data_6V1J
#
_entry.id   6V1J
#
_cell.length_a   55.660
_cell.length_b   59.990
_cell.length_c   78.160
_cell.angle_alpha   90.000
_cell.angle_beta   90.000
_cell.angle_gamma   90.000
#
_symmetry.space_group_name_H-M   'P 2 21 21'
#
loop_
_entity.id
_entity.type
_entity.pdbx_description
1 polymer 'Carbapenem-hydrolyzing beta-lactamase KPC'
2 non-polymer '(1aR,7bS)-5-fluoro-2-hydroxy-1,1a,2,7b-tetrahydrocyclopropa[c][1,2]benzoxaborinine-4-carboxylic acid'
3 non-polymer '(1~{a}~{R},7~{b}~{S})-5-fluoranyl-2,2-bis(oxidanyl)-1~{a},7~{b}-dihydro-1~{H}-cyclopropa[c][1,2]benzoxaborinine-4-carboxylic acid'
4 non-polymer GLYCEROL
5 non-polymer 'SULFATE ION'
6 water water
#
_entity_poly.entity_id   1
_entity_poly.type   'polypeptide(L)'
_entity_poly.pdbx_seq_one_letter_code
;MGSSHHHHHHSSGLVPRGSHMLTNLVAEPFAKLEQDFGGSIGVYAMDTGSGATVSYRAEERFPLCSSFKGFLAAAVLARS
QQQAGLLDTPIRYGKNALVPWSPISEKYLTTGMTVAELSAAAVQYSDNAAANLLLKELGGPAGLTAFMRSIGDTTFRLDR
WELELNSAIPGDARDTSSPRAVTESLQKLTLGSALAAPQRQQFVDWLKGNTTGNHRIRAAVPADWAVGDKTGTCGVYGTA
NDYAVVWPTGRAPIVLAVYTRAPNKDDKHSEAVIAAAARLALEGLGVNGQ
;
_entity_poly.pdbx_strand_id   A
#
loop_
_chem_comp.id
_chem_comp.type
_chem_comp.name
_chem_comp.formula
GOL non-polymer GLYCEROL 'C3 H8 O3'
QNA non-polymer '(1~{a}~{R},7~{b}~{S})-5-fluoranyl-2,2-bis(oxidanyl)-1~{a},7~{b}-dihydro-1~{H}-cyclopropa[c][1,2]benzoxaborinine-4-carboxylic acid' 'C10 H9 B F O5 -1'
RM9 non-polymer '(1aR,7bS)-5-fluoro-2-hydroxy-1,1a,2,7b-tetrahydrocyclopropa[c][1,2]benzoxaborinine-4-carboxylic acid' 'C10 H8 B F O4'
SO4 non-polymer 'SULFATE ION' 'O4 S -2'
#
# COMPACT_ATOMS: atom_id res chain seq x y z
N MET A 21 -12.93 -8.73 21.09
CA MET A 21 -12.31 -9.13 22.34
C MET A 21 -10.89 -8.55 22.47
N LEU A 22 -10.10 -8.71 21.42
CA LEU A 22 -8.74 -8.20 21.38
C LEU A 22 -8.62 -6.90 20.58
N THR A 23 -9.74 -6.31 20.19
CA THR A 23 -9.73 -5.09 19.39
C THR A 23 -9.83 -3.87 20.30
N ASN A 24 -8.92 -2.92 20.11
CA ASN A 24 -8.93 -1.65 20.84
C ASN A 24 -8.96 -1.86 22.34
N LEU A 25 -8.08 -2.73 22.82
CA LEU A 25 -7.91 -2.90 24.26
C LEU A 25 -7.49 -1.60 24.92
N VAL A 26 -6.79 -0.73 24.18
CA VAL A 26 -6.30 0.55 24.68
C VAL A 26 -6.75 1.63 23.70
N ALA A 27 -7.58 2.55 24.18
CA ALA A 27 -8.08 3.62 23.32
C ALA A 27 -6.99 4.64 23.06
N GLU A 28 -6.99 5.19 21.85
CA GLU A 28 -6.03 6.19 21.40
C GLU A 28 -6.78 7.36 20.76
N PRO A 29 -6.22 8.58 20.86
CA PRO A 29 -6.93 9.81 20.43
C PRO A 29 -6.90 10.04 18.92
N PHE A 30 -7.42 9.07 18.16
CA PHE A 30 -7.50 9.22 16.72
C PHE A 30 -8.47 10.33 16.31
N ALA A 31 -9.56 10.49 17.05
CA ALA A 31 -10.57 11.53 16.72
C ALA A 31 -9.92 12.91 16.80
N LYS A 32 -9.15 13.16 17.86
CA LYS A 32 -8.49 14.48 18.01
C LYS A 32 -7.52 14.67 16.83
N LEU A 33 -6.77 13.62 16.48
CA LEU A 33 -5.82 13.73 15.38
C LEU A 33 -6.51 14.08 14.07
N GLU A 34 -7.62 13.40 13.74
CA GLU A 34 -8.26 13.68 12.46
C GLU A 34 -8.96 15.04 12.49
N GLN A 35 -9.44 15.48 13.65
CA GLN A 35 -10.03 16.81 13.73
C GLN A 35 -9.00 17.90 13.51
N ASP A 36 -7.79 17.74 14.07
CA ASP A 36 -6.71 18.68 13.82
C ASP A 36 -6.32 18.68 12.35
N PHE A 37 -6.32 17.50 11.72
CA PHE A 37 -6.02 17.38 10.30
C PHE A 37 -7.10 18.00 9.42
N GLY A 38 -8.34 18.00 9.90
CA GLY A 38 -9.44 18.53 9.11
C GLY A 38 -10.07 17.53 8.17
N GLY A 39 -9.97 16.25 8.46
CA GLY A 39 -10.51 15.23 7.60
C GLY A 39 -10.78 13.96 8.36
N SER A 40 -10.64 12.83 7.67
CA SER A 40 -10.88 11.52 8.23
C SER A 40 -9.61 10.69 8.13
N ILE A 41 -9.31 9.95 9.20
CA ILE A 41 -8.21 9.02 9.22
C ILE A 41 -8.76 7.62 9.47
N GLY A 42 -8.27 6.65 8.69
CA GLY A 42 -8.65 5.27 8.85
C GLY A 42 -7.44 4.43 9.16
N VAL A 43 -7.52 3.62 10.21
CA VAL A 43 -6.36 2.87 10.72
C VAL A 43 -6.78 1.46 11.03
N TYR A 44 -5.99 0.49 10.59
CA TYR A 44 -6.11 -0.89 11.09
C TYR A 44 -4.71 -1.43 11.29
N ALA A 45 -4.45 -1.96 12.48
CA ALA A 45 -3.14 -2.50 12.80
C ALA A 45 -3.34 -3.84 13.48
N MET A 46 -2.50 -4.80 13.13
N MET A 46 -2.54 -4.82 13.08
CA MET A 46 -2.66 -6.17 13.59
CA MET A 46 -2.64 -6.18 13.58
C MET A 46 -1.34 -6.68 14.16
C MET A 46 -1.31 -6.60 14.19
N ASP A 47 -1.35 -7.11 15.41
CA ASP A 47 -0.23 -7.81 16.02
C ASP A 47 -0.36 -9.27 15.62
N THR A 48 0.52 -9.73 14.74
CA THR A 48 0.35 -11.09 14.21
C THR A 48 0.70 -12.18 15.23
N GLY A 49 1.28 -11.82 16.38
CA GLY A 49 1.52 -12.79 17.42
C GLY A 49 0.27 -13.11 18.21
N SER A 50 -0.32 -12.10 18.83
CA SER A 50 -1.49 -12.29 19.69
C SER A 50 -2.81 -12.19 18.95
N GLY A 51 -2.82 -11.57 17.77
CA GLY A 51 -4.06 -11.26 17.10
C GLY A 51 -4.74 -9.99 17.56
N ALA A 52 -4.14 -9.26 18.50
CA ALA A 52 -4.70 -8.00 18.95
C ALA A 52 -4.67 -6.99 17.81
N THR A 53 -5.68 -6.11 17.80
CA THR A 53 -5.83 -5.13 16.73
C THR A 53 -6.12 -3.75 17.29
N VAL A 54 -5.76 -2.73 16.50
CA VAL A 54 -6.21 -1.35 16.68
C VAL A 54 -7.02 -0.99 15.45
N SER A 55 -8.18 -0.38 15.66
N SER A 55 -8.22 -0.44 15.65
CA SER A 55 -9.15 -0.18 14.58
CA SER A 55 -9.10 -0.17 14.53
C SER A 55 -9.82 1.18 14.76
C SER A 55 -9.80 1.17 14.74
N TYR A 56 -9.75 2.01 13.72
CA TYR A 56 -10.41 3.32 13.74
C TYR A 56 -10.84 3.64 12.33
N ARG A 57 -12.15 3.77 12.11
CA ARG A 57 -12.71 3.92 10.76
C ARG A 57 -12.21 2.83 9.81
N ALA A 58 -11.98 1.63 10.36
CA ALA A 58 -11.21 0.63 9.63
C ALA A 58 -11.97 -0.01 8.47
N GLU A 59 -13.30 0.06 8.49
CA GLU A 59 -14.10 -0.53 7.43
C GLU A 59 -14.68 0.52 6.48
N GLU A 60 -14.31 1.79 6.65
CA GLU A 60 -14.69 2.80 5.67
C GLU A 60 -13.81 2.68 4.44
N ARG A 61 -14.35 3.09 3.30
CA ARG A 61 -13.57 3.13 2.07
C ARG A 61 -12.74 4.42 1.99
N PHE A 62 -11.50 4.27 1.55
CA PHE A 62 -10.63 5.39 1.23
C PHE A 62 -10.01 5.13 -0.12
N PRO A 63 -9.69 6.19 -0.88
CA PRO A 63 -9.03 5.99 -2.17
C PRO A 63 -7.68 5.32 -2.00
N LEU A 64 -7.39 4.37 -2.87
CA LEU A 64 -6.11 3.67 -2.84
C LEU A 64 -4.96 4.59 -3.25
N CYS A 65 -5.19 5.48 -4.22
CA CYS A 65 -4.09 6.20 -4.87
C CYS A 65 -3.01 5.19 -5.23
N SER A 66 -1.74 5.56 -5.11
CA SER A 66 -0.69 4.65 -5.57
C SER A 66 -0.52 3.42 -4.70
N SER A 67 -1.22 3.31 -3.57
CA SER A 67 -1.01 2.13 -2.72
C SER A 67 -1.43 0.85 -3.44
N PHE A 68 -2.26 0.92 -4.47
CA PHE A 68 -2.57 -0.29 -5.23
C PHE A 68 -1.34 -0.91 -5.88
N LYS A 69 -0.28 -0.13 -6.09
CA LYS A 69 0.89 -0.60 -6.82
C LYS A 69 1.62 -1.72 -6.07
N GLY A 70 1.55 -1.74 -4.74
CA GLY A 70 2.10 -2.87 -4.02
C GLY A 70 1.35 -4.15 -4.35
N PHE A 71 0.02 -4.12 -4.30
CA PHE A 71 -0.76 -5.30 -4.65
C PHE A 71 -0.60 -5.68 -6.11
N LEU A 72 -0.42 -4.69 -6.99
CA LEU A 72 -0.10 -4.95 -8.38
C LEU A 72 1.15 -5.81 -8.52
N ALA A 73 2.22 -5.44 -7.80
CA ALA A 73 3.46 -6.22 -7.86
C ALA A 73 3.26 -7.62 -7.30
N ALA A 74 2.46 -7.76 -6.23
CA ALA A 74 2.15 -9.08 -5.71
C ALA A 74 1.42 -9.92 -6.74
N ALA A 75 0.48 -9.32 -7.48
CA ALA A 75 -0.26 -10.05 -8.50
C ALA A 75 0.67 -10.53 -9.61
N VAL A 76 1.63 -9.69 -9.99
CA VAL A 76 2.62 -10.09 -10.99
C VAL A 76 3.44 -11.27 -10.47
N LEU A 77 3.87 -11.19 -9.20
CA LEU A 77 4.63 -12.30 -8.63
C LEU A 77 3.79 -13.58 -8.62
N ALA A 78 2.51 -13.48 -8.28
CA ALA A 78 1.63 -14.64 -8.33
C ALA A 78 1.62 -15.24 -9.73
N ARG A 79 1.49 -14.40 -10.76
N ARG A 79 1.48 -14.40 -10.76
CA ARG A 79 1.50 -14.90 -12.13
CA ARG A 79 1.51 -14.91 -12.14
C ARG A 79 2.83 -15.54 -12.49
C ARG A 79 2.83 -15.59 -12.45
N SER A 80 3.93 -15.04 -11.93
CA SER A 80 5.24 -15.62 -12.22
C SER A 80 5.40 -17.03 -11.68
N GLN A 81 4.59 -17.42 -10.70
CA GLN A 81 4.64 -18.80 -10.20
C GLN A 81 4.21 -19.80 -11.27
N GLN A 82 3.30 -19.39 -12.17
CA GLN A 82 2.88 -20.23 -13.27
C GLN A 82 3.57 -19.90 -14.58
N GLN A 83 4.34 -18.82 -14.63
CA GLN A 83 5.00 -18.34 -15.84
C GLN A 83 6.48 -18.16 -15.51
N ALA A 84 7.25 -19.23 -15.62
CA ALA A 84 8.69 -19.12 -15.47
C ALA A 84 9.23 -18.16 -16.53
N GLY A 85 10.07 -17.23 -16.11
CA GLY A 85 10.63 -16.26 -17.01
C GLY A 85 9.79 -15.02 -17.24
N LEU A 86 8.62 -14.90 -16.59
CA LEU A 86 7.84 -13.68 -16.71
C LEU A 86 8.65 -12.49 -16.19
N LEU A 87 9.26 -12.63 -15.01
CA LEU A 87 9.95 -11.50 -14.40
C LEU A 87 11.11 -11.01 -15.25
N ASP A 88 11.76 -11.91 -15.98
CA ASP A 88 12.90 -11.57 -16.82
C ASP A 88 12.51 -11.02 -18.20
N THR A 89 11.22 -10.95 -18.51
CA THR A 89 10.80 -10.56 -19.85
C THR A 89 11.09 -9.07 -20.07
N PRO A 90 11.82 -8.72 -21.14
CA PRO A 90 12.06 -7.30 -21.42
C PRO A 90 10.85 -6.65 -22.07
N ILE A 91 10.48 -5.47 -21.57
CA ILE A 91 9.32 -4.72 -22.04
C ILE A 91 9.81 -3.40 -22.62
N ARG A 92 9.60 -3.21 -23.91
N ARG A 92 9.57 -3.19 -23.91
CA ARG A 92 9.83 -1.92 -24.53
CA ARG A 92 9.86 -1.92 -24.56
C ARG A 92 8.52 -1.14 -24.54
C ARG A 92 8.57 -1.12 -24.75
N TYR A 93 8.66 0.18 -24.51
CA TYR A 93 7.49 1.05 -24.49
C TYR A 93 7.82 2.35 -25.18
N GLY A 94 6.79 3.00 -25.70
CA GLY A 94 6.96 4.27 -26.37
C GLY A 94 6.77 5.44 -25.43
N LYS A 95 7.07 6.63 -25.97
CA LYS A 95 6.94 7.85 -25.18
C LYS A 95 5.49 8.07 -24.74
N ASN A 96 4.53 7.57 -25.52
CA ASN A 96 3.12 7.72 -25.16
C ASN A 96 2.76 6.97 -23.88
N ALA A 97 3.60 6.03 -23.44
CA ALA A 97 3.37 5.35 -22.18
C ALA A 97 3.79 6.17 -20.97
N LEU A 98 4.60 7.21 -21.16
CA LEU A 98 5.23 7.95 -20.06
C LEU A 98 4.32 9.06 -19.53
N VAL A 99 3.41 8.67 -18.64
CA VAL A 99 2.51 9.62 -18.01
C VAL A 99 3.24 10.31 -16.85
N PRO A 100 2.71 11.41 -16.32
CA PRO A 100 3.41 12.11 -15.23
C PRO A 100 3.70 11.19 -14.05
N TRP A 101 4.80 11.49 -13.36
CA TRP A 101 5.31 10.72 -12.22
C TRP A 101 5.73 9.32 -12.64
N SER A 102 6.71 9.27 -13.54
CA SER A 102 7.30 8.02 -14.03
C SER A 102 8.81 8.14 -13.93
N PRO A 103 9.34 8.28 -12.71
CA PRO A 103 10.75 8.67 -12.57
C PRO A 103 11.74 7.61 -13.01
N ILE A 104 11.41 6.33 -12.88
CA ILE A 104 12.32 5.28 -13.35
C ILE A 104 12.12 4.98 -14.82
N SER A 105 10.87 4.75 -15.24
CA SER A 105 10.62 4.35 -16.62
C SER A 105 11.06 5.43 -17.60
N GLU A 106 11.06 6.70 -17.20
CA GLU A 106 11.52 7.74 -18.13
C GLU A 106 13.03 7.61 -18.41
N LYS A 107 13.79 7.06 -17.48
CA LYS A 107 15.23 6.90 -17.65
C LYS A 107 15.60 5.70 -18.51
N TYR A 108 14.64 4.81 -18.80
CA TYR A 108 14.85 3.63 -19.60
C TYR A 108 13.95 3.61 -20.83
N LEU A 109 13.39 4.76 -21.19
CA LEU A 109 12.52 4.85 -22.36
C LEU A 109 13.21 4.29 -23.60
N THR A 110 14.48 4.61 -23.79
CA THR A 110 15.18 4.22 -25.00
C THR A 110 15.75 2.81 -24.95
N THR A 111 15.59 2.10 -23.81
CA THR A 111 16.13 0.76 -23.65
C THR A 111 15.11 -0.30 -23.30
N GLY A 112 14.01 0.06 -22.64
CA GLY A 112 13.11 -0.91 -22.04
C GLY A 112 13.57 -1.33 -20.66
N MET A 113 12.69 -2.07 -19.98
CA MET A 113 12.94 -2.60 -18.64
C MET A 113 12.29 -3.97 -18.54
N THR A 114 12.78 -4.80 -17.62
CA THR A 114 12.13 -6.09 -17.41
C THR A 114 10.86 -5.94 -16.58
N VAL A 115 10.04 -6.99 -16.61
CA VAL A 115 8.83 -7.02 -15.79
C VAL A 115 9.18 -6.85 -14.31
N ALA A 116 10.23 -7.52 -13.86
CA ALA A 116 10.65 -7.36 -12.46
C ALA A 116 11.07 -5.93 -12.18
N GLU A 117 11.79 -5.31 -13.11
CA GLU A 117 12.21 -3.92 -12.91
C GLU A 117 11.02 -2.99 -12.89
N LEU A 118 10.03 -3.22 -13.77
CA LEU A 118 8.81 -2.42 -13.74
C LEU A 118 8.09 -2.57 -12.40
N SER A 119 8.03 -3.80 -11.89
CA SER A 119 7.38 -4.05 -10.60
C SER A 119 8.10 -3.32 -9.48
N ALA A 120 9.44 -3.42 -9.44
CA ALA A 120 10.20 -2.71 -8.42
C ALA A 120 10.01 -1.20 -8.54
N ALA A 121 9.95 -0.67 -9.76
CA ALA A 121 9.78 0.76 -9.93
C ALA A 121 8.40 1.21 -9.46
N ALA A 122 7.37 0.43 -9.79
CA ALA A 122 6.02 0.74 -9.31
C ALA A 122 5.97 0.75 -7.79
N VAL A 123 6.64 -0.21 -7.14
CA VAL A 123 6.58 -0.30 -5.69
C VAL A 123 7.44 0.78 -5.03
N GLN A 124 8.68 0.96 -5.51
CA GLN A 124 9.69 1.69 -4.76
C GLN A 124 9.77 3.17 -5.13
N TYR A 125 9.24 3.53 -6.29
CA TYR A 125 9.27 4.94 -6.77
C TYR A 125 7.88 5.39 -7.20
N SER A 126 6.87 4.52 -7.03
CA SER A 126 5.45 4.79 -7.38
C SER A 126 5.35 5.14 -8.87
N ASP A 127 6.13 4.45 -9.69
CA ASP A 127 6.23 4.79 -11.11
C ASP A 127 4.91 4.53 -11.84
N ASN A 128 4.35 5.58 -12.45
CA ASN A 128 3.02 5.47 -13.05
C ASN A 128 3.05 4.70 -14.36
N ALA A 129 4.01 5.00 -15.24
CA ALA A 129 4.08 4.26 -16.49
C ALA A 129 4.29 2.78 -16.24
N ALA A 130 5.16 2.44 -15.28
CA ALA A 130 5.36 1.04 -14.94
C ALA A 130 4.07 0.40 -14.47
N ALA A 131 3.31 1.12 -13.63
CA ALA A 131 2.04 0.59 -13.13
C ALA A 131 1.06 0.32 -14.28
N ASN A 132 0.93 1.25 -15.23
CA ASN A 132 0.01 1.04 -16.33
C ASN A 132 0.43 -0.13 -17.20
N LEU A 133 1.74 -0.27 -17.45
CA LEU A 133 2.23 -1.39 -18.26
C LEU A 133 1.95 -2.72 -17.58
N LEU A 134 2.15 -2.79 -16.26
CA LEU A 134 1.88 -4.02 -15.53
C LEU A 134 0.39 -4.30 -15.44
N LEU A 135 -0.42 -3.26 -15.24
CA LEU A 135 -1.86 -3.44 -15.30
C LEU A 135 -2.29 -4.08 -16.61
N LYS A 136 -1.70 -3.64 -17.73
CA LYS A 136 -2.03 -4.25 -19.02
C LYS A 136 -1.67 -5.72 -19.04
N GLU A 137 -0.52 -6.08 -18.44
CA GLU A 137 -0.12 -7.49 -18.37
C GLU A 137 -1.15 -8.34 -17.65
N LEU A 138 -1.79 -7.80 -16.62
CA LEU A 138 -2.72 -8.54 -15.78
C LEU A 138 -4.16 -8.53 -16.29
N GLY A 139 -4.43 -7.83 -17.38
CA GLY A 139 -5.80 -7.70 -17.85
C GLY A 139 -6.54 -6.50 -17.32
N GLY A 140 -5.82 -5.48 -16.87
CA GLY A 140 -6.42 -4.23 -16.45
C GLY A 140 -6.88 -4.21 -15.02
N PRO A 141 -7.57 -3.14 -14.62
CA PRO A 141 -8.08 -3.04 -13.24
C PRO A 141 -8.92 -4.23 -12.79
N ALA A 142 -9.73 -4.82 -13.68
CA ALA A 142 -10.49 -5.99 -13.28
C ALA A 142 -9.58 -7.19 -13.00
N GLY A 143 -8.44 -7.27 -13.70
CA GLY A 143 -7.53 -8.38 -13.45
C GLY A 143 -6.86 -8.28 -12.09
N LEU A 144 -6.45 -7.07 -11.70
CA LEU A 144 -5.92 -6.90 -10.35
C LEU A 144 -6.99 -7.15 -9.31
N THR A 145 -8.21 -6.65 -9.55
CA THR A 145 -9.31 -6.92 -8.64
C THR A 145 -9.54 -8.42 -8.49
N ALA A 146 -9.50 -9.15 -9.60
CA ALA A 146 -9.67 -10.60 -9.55
C ALA A 146 -8.58 -11.26 -8.70
N PHE A 147 -7.34 -10.78 -8.80
CA PHE A 147 -6.29 -11.34 -7.95
C PHE A 147 -6.62 -11.13 -6.49
N MET A 148 -7.07 -9.93 -6.13
CA MET A 148 -7.40 -9.67 -4.74
C MET A 148 -8.57 -10.54 -4.27
N ARG A 149 -9.56 -10.76 -5.15
CA ARG A 149 -10.64 -11.69 -4.82
C ARG A 149 -10.09 -13.09 -4.55
N SER A 150 -9.07 -13.50 -5.30
CA SER A 150 -8.54 -14.86 -5.18
C SER A 150 -7.85 -15.10 -3.85
N ILE A 151 -7.43 -14.04 -3.15
CA ILE A 151 -6.83 -14.20 -1.83
C ILE A 151 -7.84 -13.94 -0.72
N GLY A 152 -9.11 -13.73 -1.06
CA GLY A 152 -10.15 -13.54 -0.07
C GLY A 152 -10.52 -12.11 0.24
N ASP A 153 -10.02 -11.15 -0.52
CA ASP A 153 -10.32 -9.74 -0.28
C ASP A 153 -11.55 -9.39 -1.12
N THR A 154 -12.69 -9.18 -0.44
CA THR A 154 -13.94 -8.79 -1.11
C THR A 154 -14.18 -7.29 -1.09
N THR A 155 -13.26 -6.51 -0.54
CA THR A 155 -13.43 -5.06 -0.41
C THR A 155 -12.70 -4.29 -1.51
N PHE A 156 -11.47 -4.70 -1.80
CA PHE A 156 -10.63 -4.00 -2.78
C PHE A 156 -11.35 -3.87 -4.13
N ARG A 157 -11.26 -2.68 -4.73
CA ARG A 157 -11.64 -2.56 -6.13
C ARG A 157 -10.73 -1.55 -6.82
N LEU A 158 -10.16 -1.98 -7.94
CA LEU A 158 -9.53 -1.04 -8.87
C LEU A 158 -10.42 -0.97 -10.10
N ASP A 159 -10.65 0.25 -10.56
CA ASP A 159 -11.60 0.53 -11.61
C ASP A 159 -10.99 1.24 -12.80
N ARG A 160 -9.96 2.03 -12.59
CA ARG A 160 -9.39 2.91 -13.61
C ARG A 160 -7.88 2.75 -13.65
N TRP A 161 -7.27 3.45 -14.60
CA TRP A 161 -5.84 3.44 -14.83
C TRP A 161 -5.21 4.73 -14.31
N GLU A 162 -3.89 4.82 -14.38
CA GLU A 162 -3.21 6.08 -14.09
C GLU A 162 -3.38 7.01 -15.29
N LEU A 163 -3.73 8.29 -15.05
CA LEU A 163 -3.81 8.93 -13.74
C LEU A 163 -5.22 9.04 -13.18
N GLU A 164 -6.22 8.62 -13.96
CA GLU A 164 -7.61 8.89 -13.60
C GLU A 164 -8.01 8.29 -12.26
N LEU A 165 -7.35 7.22 -11.83
CA LEU A 165 -7.77 6.55 -10.60
C LEU A 165 -7.52 7.39 -9.35
N ASN A 166 -6.85 8.53 -9.47
CA ASN A 166 -6.51 9.36 -8.32
C ASN A 166 -7.52 10.44 -8.01
N SER A 167 -8.70 10.42 -8.65
CA SER A 167 -9.64 11.53 -8.50
C SER A 167 -10.15 11.70 -7.07
N ALA A 168 -10.23 10.62 -6.28
CA ALA A 168 -10.51 10.71 -4.83
C ALA A 168 -11.81 11.45 -4.51
N ILE A 169 -12.81 11.27 -5.37
CA ILE A 169 -14.07 12.03 -5.22
C ILE A 169 -14.79 11.57 -3.96
N PRO A 170 -15.26 12.47 -3.11
CA PRO A 170 -15.99 12.04 -1.90
C PRO A 170 -17.20 11.18 -2.23
N GLY A 171 -17.28 10.02 -1.59
CA GLY A 171 -18.37 9.09 -1.78
C GLY A 171 -18.20 8.12 -2.94
N ASP A 172 -17.19 8.30 -3.77
CA ASP A 172 -16.99 7.47 -4.94
C ASP A 172 -16.24 6.21 -4.51
N ALA A 173 -16.84 5.04 -4.71
CA ALA A 173 -16.19 3.80 -4.32
C ALA A 173 -15.16 3.31 -5.34
N ARG A 174 -15.07 3.91 -6.52
CA ARG A 174 -14.10 3.43 -7.48
C ARG A 174 -12.69 3.59 -6.92
N ASP A 175 -11.85 2.59 -7.15
CA ASP A 175 -10.43 2.68 -6.80
C ASP A 175 -10.23 2.93 -5.30
N THR A 176 -10.97 2.18 -4.48
CA THR A 176 -10.89 2.28 -3.03
C THR A 176 -10.74 0.89 -2.42
N SER A 177 -10.29 0.89 -1.16
CA SER A 177 -10.47 -0.26 -0.30
C SER A 177 -10.63 0.27 1.12
N SER A 178 -10.59 -0.63 2.10
CA SER A 178 -10.67 -0.19 3.50
C SER A 178 -9.33 -0.45 4.18
N PRO A 179 -8.99 0.31 5.22
CA PRO A 179 -7.75 0.01 5.95
C PRO A 179 -7.68 -1.43 6.43
N ARG A 180 -8.82 -1.98 6.88
CA ARG A 180 -8.82 -3.35 7.36
C ARG A 180 -8.51 -4.34 6.24
N ALA A 181 -9.18 -4.20 5.09
CA ALA A 181 -8.95 -5.14 3.99
C ALA A 181 -7.52 -5.03 3.47
N VAL A 182 -6.99 -3.80 3.41
CA VAL A 182 -5.60 -3.59 3.00
C VAL A 182 -4.66 -4.34 3.93
N THR A 183 -4.86 -4.19 5.24
CA THR A 183 -4.00 -4.86 6.21
C THR A 183 -4.13 -6.38 6.12
N GLU A 184 -5.38 -6.88 6.02
CA GLU A 184 -5.59 -8.32 5.92
C GLU A 184 -4.92 -8.90 4.68
N SER A 185 -5.07 -8.23 3.53
CA SER A 185 -4.43 -8.72 2.32
C SER A 185 -2.91 -8.61 2.39
N LEU A 186 -2.40 -7.51 2.94
CA LEU A 186 -0.96 -7.37 3.09
C LEU A 186 -0.39 -8.49 3.95
N GLN A 187 -1.09 -8.85 5.04
N GLN A 187 -1.09 -8.84 5.04
CA GLN A 187 -0.63 -9.94 5.89
CA GLN A 187 -0.65 -9.93 5.89
C GLN A 187 -0.57 -11.25 5.11
C GLN A 187 -0.57 -11.24 5.11
N LYS A 188 -1.62 -11.56 4.35
CA LYS A 188 -1.65 -12.80 3.59
C LYS A 188 -0.49 -12.87 2.61
N LEU A 189 -0.13 -11.73 2.00
CA LEU A 189 0.86 -11.72 0.92
C LEU A 189 2.29 -11.70 1.46
N THR A 190 2.53 -11.02 2.57
CA THR A 190 3.89 -10.88 3.09
C THR A 190 4.24 -11.91 4.15
N LEU A 191 3.26 -12.43 4.89
CA LEU A 191 3.54 -13.31 6.02
C LEU A 191 2.79 -14.64 5.89
N GLY A 192 1.67 -14.65 5.19
CA GLY A 192 0.86 -15.84 5.01
C GLY A 192 1.26 -16.64 3.80
N SER A 193 0.29 -17.38 3.25
CA SER A 193 0.57 -18.36 2.21
C SER A 193 0.00 -17.96 0.84
N ALA A 194 -0.39 -16.70 0.66
CA ALA A 194 -0.98 -16.30 -0.62
C ALA A 194 0.03 -16.37 -1.76
N LEU A 195 1.31 -16.17 -1.47
CA LEU A 195 2.37 -16.34 -2.44
C LEU A 195 3.26 -17.50 -2.01
N ALA A 196 3.87 -18.15 -3.00
CA ALA A 196 4.90 -19.14 -2.71
C ALA A 196 6.08 -18.45 -2.05
N ALA A 197 6.86 -19.23 -1.29
CA ALA A 197 7.91 -18.66 -0.44
C ALA A 197 8.90 -17.77 -1.17
N PRO A 198 9.45 -18.14 -2.33
CA PRO A 198 10.38 -17.22 -3.02
C PRO A 198 9.70 -15.91 -3.43
N GLN A 199 8.48 -16.00 -3.96
CA GLN A 199 7.78 -14.79 -4.38
C GLN A 199 7.39 -13.94 -3.17
N ARG A 200 7.03 -14.58 -2.07
CA ARG A 200 6.71 -13.84 -0.84
C ARG A 200 7.90 -12.99 -0.39
N GLN A 201 9.09 -13.59 -0.35
CA GLN A 201 10.25 -12.82 0.08
C GLN A 201 10.62 -11.74 -0.92
N GLN A 202 10.41 -11.98 -2.22
CA GLN A 202 10.65 -10.94 -3.21
C GLN A 202 9.71 -9.75 -3.00
N PHE A 203 8.44 -10.03 -2.66
CA PHE A 203 7.50 -8.97 -2.38
C PHE A 203 7.93 -8.17 -1.15
N VAL A 204 8.31 -8.88 -0.08
CA VAL A 204 8.85 -8.22 1.11
C VAL A 204 10.05 -7.34 0.75
N ASP A 205 10.97 -7.89 -0.04
CA ASP A 205 12.19 -7.15 -0.36
C ASP A 205 11.88 -5.89 -1.17
N TRP A 206 10.93 -5.97 -2.09
CA TRP A 206 10.54 -4.76 -2.82
C TRP A 206 9.97 -3.72 -1.88
N LEU A 207 9.07 -4.12 -0.98
CA LEU A 207 8.51 -3.20 0.00
C LEU A 207 9.60 -2.61 0.90
N LYS A 208 10.56 -3.43 1.33
CA LYS A 208 11.63 -2.92 2.18
C LYS A 208 12.44 -1.84 1.48
N GLY A 209 12.61 -1.95 0.18
CA GLY A 209 13.35 -0.98 -0.60
C GLY A 209 12.57 0.23 -1.04
N ASN A 210 11.34 0.41 -0.58
CA ASN A 210 10.59 1.59 -0.98
C ASN A 210 11.32 2.86 -0.59
N THR A 211 11.29 3.86 -1.47
CA THR A 211 11.99 5.13 -1.25
C THR A 211 11.07 6.29 -0.92
N THR A 212 9.75 6.12 -0.99
CA THR A 212 8.81 7.22 -0.89
C THR A 212 8.15 7.35 0.46
N GLY A 213 8.49 6.51 1.43
CA GLY A 213 7.74 6.44 2.67
C GLY A 213 8.45 6.91 3.92
N ASN A 214 9.56 7.64 3.77
CA ASN A 214 10.38 7.97 4.92
C ASN A 214 9.68 8.89 5.92
N HIS A 215 8.66 9.61 5.49
CA HIS A 215 7.97 10.54 6.38
C HIS A 215 6.61 10.03 6.83
N ARG A 216 6.30 8.76 6.57
CA ARG A 216 4.99 8.22 6.90
C ARG A 216 5.14 7.15 7.98
N ILE A 217 4.68 5.92 7.75
CA ILE A 217 4.78 4.90 8.80
C ILE A 217 6.22 4.74 9.29
N ARG A 218 7.19 4.77 8.36
CA ARG A 218 8.59 4.60 8.76
C ARG A 218 9.05 5.64 9.78
N ALA A 219 8.49 6.84 9.75
CA ALA A 219 8.89 7.86 10.70
C ALA A 219 8.46 7.50 12.12
N ALA A 220 7.53 6.56 12.28
CA ALA A 220 7.08 6.06 13.58
C ALA A 220 7.80 4.81 14.02
N VAL A 221 8.64 4.23 13.16
CA VAL A 221 9.24 2.92 13.39
C VAL A 221 10.72 3.12 13.72
N PRO A 222 11.20 2.61 14.85
CA PRO A 222 12.63 2.77 15.18
C PRO A 222 13.53 2.23 14.08
N ALA A 223 14.69 2.88 13.94
CA ALA A 223 15.61 2.55 12.86
C ALA A 223 16.16 1.13 12.93
N ASP A 224 16.18 0.51 14.12
CA ASP A 224 16.68 -0.86 14.24
C ASP A 224 15.63 -1.93 14.00
N TRP A 225 14.45 -1.56 13.50
CA TRP A 225 13.43 -2.55 13.10
C TRP A 225 13.34 -2.60 11.58
N ALA A 226 13.12 -3.78 11.04
CA ALA A 226 12.89 -3.91 9.60
C ALA A 226 11.46 -3.48 9.26
N VAL A 227 11.30 -2.93 8.06
CA VAL A 227 10.00 -2.40 7.65
C VAL A 227 9.96 -2.34 6.12
N GLY A 228 8.82 -2.72 5.57
CA GLY A 228 8.51 -2.45 4.17
C GLY A 228 7.16 -1.78 4.08
N ASP A 229 7.01 -0.94 3.06
CA ASP A 229 5.78 -0.16 2.96
C ASP A 229 5.49 0.20 1.50
N LYS A 230 4.24 0.61 1.25
CA LYS A 230 3.86 1.27 0.01
C LYS A 230 2.95 2.44 0.33
N THR A 231 3.29 3.60 -0.21
CA THR A 231 2.57 4.85 -0.04
C THR A 231 1.58 5.11 -1.17
N GLY A 232 0.66 6.02 -0.92
CA GLY A 232 -0.23 6.54 -1.95
C GLY A 232 -0.48 8.02 -1.72
N THR A 233 -0.53 8.80 -2.79
CA THR A 233 -0.80 10.24 -2.71
C THR A 233 -1.67 10.63 -3.90
N CYS A 234 -2.94 10.97 -3.66
CA CYS A 234 -3.84 11.27 -4.78
C CYS A 234 -3.67 12.69 -5.31
N GLY A 235 -3.21 13.61 -4.47
CA GLY A 235 -3.03 14.99 -4.89
C GLY A 235 -4.23 15.89 -4.71
N VAL A 236 -5.35 15.37 -4.21
CA VAL A 236 -6.58 16.14 -4.01
C VAL A 236 -7.28 15.58 -2.79
N TYR A 237 -8.22 16.36 -2.23
CA TYR A 237 -9.10 15.90 -1.16
C TYR A 237 -8.32 15.36 0.04
N GLY A 238 -7.19 15.99 0.34
CA GLY A 238 -6.35 15.60 1.46
C GLY A 238 -6.09 14.10 1.54
N THR A 239 -5.98 13.45 0.38
CA THR A 239 -6.02 11.98 0.31
C THR A 239 -4.63 11.43 0.11
N ALA A 240 -4.15 10.70 1.11
CA ALA A 240 -2.83 10.05 1.05
C ALA A 240 -2.85 8.91 2.06
N ASN A 241 -1.86 8.02 1.96
CA ASN A 241 -1.94 6.80 2.74
C ASN A 241 -0.60 6.07 2.74
N ASP A 242 -0.53 5.00 3.53
CA ASP A 242 0.65 4.16 3.61
C ASP A 242 0.21 2.87 4.29
N TYR A 243 0.77 1.74 3.84
CA TYR A 243 0.62 0.49 4.56
C TYR A 243 1.99 -0.15 4.72
N ALA A 244 2.16 -0.95 5.76
CA ALA A 244 3.49 -1.46 6.06
C ALA A 244 3.41 -2.77 6.81
N VAL A 245 4.44 -3.58 6.62
N VAL A 245 4.47 -3.55 6.66
CA VAL A 245 4.76 -4.67 7.53
CA VAL A 245 4.74 -4.70 7.53
C VAL A 245 5.97 -4.24 8.32
C VAL A 245 6.01 -4.39 8.31
N VAL A 246 5.93 -4.47 9.64
CA VAL A 246 6.96 -4.00 10.54
C VAL A 246 7.42 -5.18 11.39
N TRP A 247 8.74 -5.36 11.50
CA TRP A 247 9.32 -6.43 12.31
C TRP A 247 10.01 -5.82 13.52
N PRO A 248 9.30 -5.56 14.62
CA PRO A 248 9.98 -5.17 15.85
C PRO A 248 10.85 -6.31 16.32
N THR A 249 12.01 -5.99 16.87
CA THR A 249 12.92 -7.06 17.28
C THR A 249 12.32 -7.79 18.49
N GLY A 250 12.50 -9.11 18.50
CA GLY A 250 12.10 -9.89 19.65
C GLY A 250 10.62 -10.20 19.78
N ARG A 251 9.80 -9.85 18.79
CA ARG A 251 8.38 -10.17 18.86
C ARG A 251 7.85 -10.36 17.44
N ALA A 252 6.59 -10.77 17.35
CA ALA A 252 6.00 -11.06 16.05
C ALA A 252 5.78 -9.77 15.25
N PRO A 253 5.75 -9.86 13.92
CA PRO A 253 5.57 -8.66 13.11
C PRO A 253 4.18 -8.04 13.26
N ILE A 254 4.13 -6.75 12.94
CA ILE A 254 2.91 -5.95 12.93
C ILE A 254 2.61 -5.59 11.48
N VAL A 255 1.34 -5.66 11.09
CA VAL A 255 0.88 -5.21 9.79
C VAL A 255 -0.10 -4.06 10.03
N LEU A 256 0.04 -2.98 9.29
CA LEU A 256 -0.84 -1.85 9.54
C LEU A 256 -1.07 -1.02 8.27
N ALA A 257 -2.18 -0.30 8.27
CA ALA A 257 -2.57 0.56 7.18
C ALA A 257 -3.12 1.86 7.75
N VAL A 258 -2.71 2.99 7.16
CA VAL A 258 -3.17 4.32 7.56
C VAL A 258 -3.59 5.07 6.30
N TYR A 259 -4.87 5.43 6.22
CA TYR A 259 -5.44 6.10 5.06
C TYR A 259 -6.08 7.41 5.51
N THR A 260 -5.96 8.46 4.69
CA THR A 260 -6.59 9.73 5.00
C THR A 260 -7.37 10.25 3.80
N ARG A 261 -8.38 11.08 4.11
N ARG A 261 -8.36 11.09 4.12
CA ARG A 261 -9.06 11.89 3.12
CA ARG A 261 -9.06 11.89 3.12
C ARG A 261 -9.58 13.13 3.83
C ARG A 261 -9.71 13.07 3.83
N ALA A 262 -10.13 14.05 3.06
CA ALA A 262 -10.65 15.30 3.60
C ALA A 262 -11.76 15.79 2.68
N PRO A 263 -12.65 16.66 3.17
CA PRO A 263 -13.87 16.95 2.42
C PRO A 263 -13.69 17.84 1.20
N ASN A 264 -12.69 18.72 1.18
CA ASN A 264 -12.56 19.71 0.12
C ASN A 264 -11.48 19.32 -0.87
N LYS A 265 -11.73 19.60 -2.15
CA LYS A 265 -10.77 19.22 -3.18
C LYS A 265 -9.39 19.81 -2.92
N ASP A 266 -9.34 21.05 -2.45
CA ASP A 266 -8.06 21.73 -2.23
C ASP A 266 -7.46 21.46 -0.85
N ASP A 267 -8.07 20.56 -0.07
CA ASP A 267 -7.50 20.21 1.26
C ASP A 267 -6.16 19.51 1.02
N LYS A 268 -5.15 19.87 1.80
CA LYS A 268 -3.83 19.24 1.58
C LYS A 268 -3.73 17.96 2.41
N HIS A 269 -2.98 16.99 1.91
CA HIS A 269 -2.64 15.82 2.70
C HIS A 269 -1.53 16.17 3.69
N SER A 270 -1.32 15.28 4.66
CA SER A 270 -0.28 15.50 5.66
C SER A 270 0.47 14.21 5.90
N GLU A 271 1.79 14.23 5.63
CA GLU A 271 2.61 13.08 5.99
C GLU A 271 2.73 12.96 7.51
N ALA A 272 2.84 14.09 8.21
CA ALA A 272 2.99 14.05 9.66
C ALA A 272 1.78 13.38 10.33
N VAL A 273 0.58 13.60 9.79
CA VAL A 273 -0.61 12.98 10.36
C VAL A 273 -0.57 11.46 10.18
N ILE A 274 -0.05 10.99 9.03
CA ILE A 274 0.08 9.56 8.83
C ILE A 274 1.07 8.95 9.82
N ALA A 275 2.24 9.61 9.98
CA ALA A 275 3.21 9.13 10.96
C ALA A 275 2.63 9.12 12.36
N ALA A 276 1.88 10.17 12.73
CA ALA A 276 1.31 10.26 14.06
C ALA A 276 0.28 9.16 14.28
N ALA A 277 -0.52 8.86 13.27
CA ALA A 277 -1.51 7.79 13.40
C ALA A 277 -0.82 6.44 13.55
N ALA A 278 0.28 6.23 12.82
CA ALA A 278 1.05 5.01 12.98
C ALA A 278 1.59 4.89 14.38
N ARG A 279 2.10 5.99 14.95
N ARG A 279 2.09 5.98 14.95
CA ARG A 279 2.58 5.97 16.33
CA ARG A 279 2.58 5.96 16.32
C ARG A 279 1.46 5.56 17.28
C ARG A 279 1.48 5.59 17.31
N LEU A 280 0.28 6.14 17.12
CA LEU A 280 -0.84 5.79 18.00
C LEU A 280 -1.22 4.32 17.86
N ALA A 281 -1.15 3.79 16.63
CA ALA A 281 -1.47 2.38 16.41
C ALA A 281 -0.49 1.47 17.15
N LEU A 282 0.81 1.76 17.03
CA LEU A 282 1.80 0.97 17.75
C LEU A 282 1.61 1.08 19.26
N GLU A 283 1.32 2.29 19.75
CA GLU A 283 1.06 2.47 21.18
C GLU A 283 -0.17 1.67 21.60
N GLY A 284 -1.23 1.69 20.78
CA GLY A 284 -2.42 0.93 21.09
C GLY A 284 -2.19 -0.56 21.17
N LEU A 285 -1.21 -1.07 20.41
CA LEU A 285 -0.84 -2.47 20.45
C LEU A 285 0.14 -2.80 21.57
N GLY A 286 0.61 -1.80 22.31
CA GLY A 286 1.58 -2.06 23.35
C GLY A 286 2.96 -2.37 22.83
N VAL A 287 3.25 -2.00 21.60
CA VAL A 287 4.57 -2.20 21.00
C VAL A 287 5.42 -0.99 21.37
N ASN A 288 6.44 -1.22 22.20
CA ASN A 288 7.32 -0.14 22.62
C ASN A 288 8.17 0.32 21.45
N GLY A 289 8.08 1.61 21.12
CA GLY A 289 8.83 2.16 20.00
C GLY A 289 9.72 3.32 20.41
N GLN A 290 9.71 4.37 19.59
CA GLN A 290 10.56 5.54 19.84
C GLN A 290 10.18 6.28 21.10
B12 RM9 B . 0.75 7.85 -6.42
C02 RM9 B . 3.36 8.20 -3.10
C04 RM9 B . 3.26 9.25 -4.22
C05 RM9 B . 3.87 10.54 -4.01
C07 RM9 B . 3.81 11.52 -5.00
C08 RM9 B . 3.15 11.28 -6.18
C09 RM9 B . 2.52 10.07 -6.45
C10 RM9 B . 2.60 9.06 -5.46
C14 RM9 B . 0.98 8.49 -7.79
C15 RM9 B . 2.15 8.57 -8.66
C16 RM9 B . 1.83 9.70 -7.73
F06 RM9 B . 4.51 10.78 -2.88
O01 RM9 B . 3.93 7.14 -3.38
O03 RM9 B . 2.87 8.49 -2.02
O11 RM9 B . 1.98 7.83 -5.64
O13 RM9 B . -0.31 8.00 -5.55
C02 QNA C . 13.84 10.67 -9.71
C09 QNA C . 17.55 9.53 -9.33
C10 QNA C . 16.42 10.43 -9.53
C16 QNA C . 19.75 11.00 -10.34
C17 QNA C . 18.83 10.19 -9.35
O01 QNA C . 13.09 10.95 -8.70
O14 QNA C . 17.52 12.65 -7.36
B12 QNA C . 17.74 12.64 -8.87
C04 QNA C . 15.10 9.80 -9.53
C05 QNA C . 15.01 8.39 -9.36
C07 QNA C . 16.10 7.51 -9.18
C08 QNA C . 17.39 8.11 -9.18
C15 QNA C . 18.98 11.76 -9.22
F06 QNA C . 13.72 7.80 -9.36
O03 QNA C . 13.53 11.14 -10.87
O11 QNA C . 16.59 11.74 -9.67
O13 QNA C . 17.81 14.01 -9.51
C1 GOL D . 12.21 -10.04 7.86
O1 GOL D . 12.81 -8.76 7.87
C2 GOL D . 11.71 -10.31 6.42
O2 GOL D . 12.74 -10.26 5.49
C3 GOL D . 11.03 -11.69 6.46
O3 GOL D . 10.18 -11.76 5.34
S SO4 E . 3.40 17.38 5.96
O1 SO4 E . 4.70 17.85 5.48
O2 SO4 E . 2.57 18.52 6.32
O3 SO4 E . 2.74 16.62 4.91
O4 SO4 E . 3.60 16.54 7.13
S SO4 F . 14.39 -11.92 16.81
O1 SO4 F . 14.05 -10.51 16.64
O2 SO4 F . 15.80 -12.12 16.47
O3 SO4 F . 13.56 -12.74 15.94
O4 SO4 F . 14.19 -12.31 18.20
#